data_2WIO
#
_entry.id   2WIO
#
_cell.length_a   37.932
_cell.length_b   57.341
_cell.length_c   179.557
_cell.angle_alpha   90.00
_cell.angle_beta   90.00
_cell.angle_gamma   90.00
#
_symmetry.space_group_name_H-M   'P 21 21 21'
#
loop_
_entity.id
_entity.type
_entity.pdbx_description
1 polymer 'ERYTHROMYCIN B/D C-12 HYDROXYLASE'
2 non-polymer 'PROTOPORPHYRIN IX CONTAINING FE'
3 water water
#
_entity_poly.entity_id   1
_entity_poly.type   'polypeptide(L)'
_entity_poly.pdbx_seq_one_letter_code
;MGSSHHHHHHSSGLVPRGSHMFADVETTCCARRTLTTIDEVPGMADETALLDWLGTMREKQPVWQDRYGVWHVFRHADVQ
TVLRDTATFSSDPTRVIEGASPTPGMIHEIDPPEHRALRKVVSSAFTPRTISDLEPRIRDVTRSLLADAGESFDLVDVLA
FPLPVTIVAELLGLPPMDHEQFGDWSGALVDIQMDDPTDPALAERIADVLNPLTAYLKARCAERRADPGDDLISRLVLAE
VDGRALDDEEAANFSTALLLAGHITTTVLLGNIVRTLDEHPAHWDAAAEDPGRIPAIVEEVLRYRPPFPQMQRTTTKATE
VAGVPIPADVMVNTWVLSANRDSDAHDDPDRFDPSRKSGGAAQLSFGHGVHFCLGAPLARLENRVALEEIIARFGRLTVD
RDDERLRHFEQIVLGTRHLPVLAGSSPRQSA
;
_entity_poly.pdbx_strand_id   A
#
loop_
_chem_comp.id
_chem_comp.type
_chem_comp.name
_chem_comp.formula
HEM non-polymer 'PROTOPORPHYRIN IX CONTAINING FE' 'C34 H32 Fe N4 O4'
#
# COMPACT_ATOMS: atom_id res chain seq x y z
N ASP A 39 3.27 -11.89 26.13
CA ASP A 39 4.05 -12.22 24.90
C ASP A 39 3.22 -12.29 23.60
N GLU A 40 2.40 -11.26 23.39
CA GLU A 40 1.53 -11.21 22.21
C GLU A 40 1.70 -9.90 21.46
N VAL A 41 1.65 -10.00 20.14
CA VAL A 41 1.46 -8.82 19.33
C VAL A 41 -0.03 -8.48 19.32
N PRO A 42 -0.39 -7.25 19.74
CA PRO A 42 -1.75 -6.77 19.65
C PRO A 42 -2.18 -6.67 18.18
N GLY A 43 -3.45 -6.95 17.91
CA GLY A 43 -3.96 -6.95 16.56
C GLY A 43 -4.13 -5.54 16.00
N MET A 44 -4.47 -5.47 14.72
CA MET A 44 -4.57 -4.22 13.99
C MET A 44 -5.83 -3.40 14.30
N ALA A 45 -6.91 -4.06 14.73
CA ALA A 45 -8.21 -3.37 14.87
C ALA A 45 -8.25 -2.39 16.01
N ASP A 46 -7.90 -2.84 17.22
CA ASP A 46 -7.87 -1.94 18.35
C ASP A 46 -6.61 -1.07 18.22
N GLU A 47 -6.78 0.05 17.53
CA GLU A 47 -5.66 0.89 17.12
C GLU A 47 -4.96 1.48 18.35
N THR A 48 -5.76 1.95 19.30
CA THR A 48 -5.24 2.59 20.50
C THR A 48 -4.34 1.66 21.33
N ALA A 49 -4.83 0.47 21.61
CA ALA A 49 -4.05 -0.58 22.28
C ALA A 49 -2.77 -0.94 21.51
N LEU A 50 -2.86 -0.99 20.18
CA LEU A 50 -1.68 -1.18 19.34
C LEU A 50 -0.66 -0.04 19.55
N LEU A 51 -1.11 1.20 19.35
CA LEU A 51 -0.25 2.36 19.49
C LEU A 51 0.31 2.47 20.91
N ASP A 52 -0.52 2.14 21.90
CA ASP A 52 -0.07 2.15 23.29
C ASP A 52 1.08 1.15 23.52
N TRP A 53 0.91 -0.05 23.00
CA TRP A 53 1.90 -1.11 23.12
C TRP A 53 3.21 -0.74 22.38
N LEU A 54 3.10 -0.34 21.13
CA LEU A 54 4.31 0.10 20.37
C LEU A 54 5.06 1.20 21.14
N GLY A 55 4.32 2.13 21.71
CA GLY A 55 4.91 3.21 22.50
C GLY A 55 5.73 2.67 23.65
N THR A 56 5.19 1.67 24.37
CA THR A 56 5.92 1.01 25.47
C THR A 56 7.16 0.26 24.96
N MET A 57 7.04 -0.34 23.78
CA MET A 57 8.16 -1.10 23.24
C MET A 57 9.31 -0.17 22.86
N ARG A 58 8.99 0.98 22.28
CA ARG A 58 10.00 1.93 21.84
C ARG A 58 10.78 2.44 23.05
N GLU A 59 10.07 2.56 24.16
CA GLU A 59 10.68 2.99 25.40
C GLU A 59 11.36 1.82 26.15
N LYS A 60 10.73 0.64 26.25
CA LYS A 60 11.31 -0.43 27.13
C LYS A 60 12.03 -1.60 26.42
N GLN A 61 11.69 -1.84 25.16
CA GLN A 61 12.23 -3.01 24.44
C GLN A 61 12.22 -2.74 22.95
N PRO A 62 13.12 -1.86 22.50
CA PRO A 62 13.08 -1.39 21.11
C PRO A 62 13.41 -2.45 20.04
N VAL A 63 14.03 -3.56 20.45
CA VAL A 63 14.29 -4.73 19.60
C VAL A 63 13.78 -5.95 20.39
N TRP A 64 12.74 -6.59 19.92
CA TRP A 64 12.05 -7.62 20.69
C TRP A 64 11.92 -8.87 19.87
N GLN A 65 12.19 -10.01 20.51
CA GLN A 65 12.08 -11.29 19.83
C GLN A 65 10.78 -11.95 20.30
N ASP A 66 9.84 -12.16 19.39
CA ASP A 66 8.56 -12.79 19.80
C ASP A 66 8.71 -14.29 19.93
N ARG A 67 7.63 -14.94 20.34
CA ARG A 67 7.67 -16.37 20.66
C ARG A 67 7.81 -17.22 19.39
N TYR A 68 7.66 -16.58 18.23
CA TYR A 68 7.79 -17.29 16.98
C TYR A 68 9.21 -17.09 16.47
N GLY A 69 10.05 -16.42 17.28
CA GLY A 69 11.43 -16.11 16.85
C GLY A 69 11.57 -15.03 15.77
N VAL A 70 10.53 -14.21 15.63
CA VAL A 70 10.57 -13.06 14.75
C VAL A 70 10.96 -11.85 15.58
N TRP A 71 11.88 -11.07 15.03
CA TRP A 71 12.47 -9.93 15.69
C TRP A 71 11.72 -8.68 15.24
N HIS A 72 11.35 -7.84 16.18
CA HIS A 72 10.51 -6.68 15.92
C HIS A 72 11.33 -5.44 16.21
N VAL A 73 11.25 -4.45 15.34
CA VAL A 73 12.09 -3.27 15.44
C VAL A 73 11.16 -2.07 15.47
N PHE A 74 11.27 -1.26 16.53
CA PHE A 74 10.25 -0.21 16.85
C PHE A 74 10.64 1.26 16.68
N ARG A 75 11.92 1.57 16.76
CA ARG A 75 12.32 2.99 16.69
C ARG A 75 12.66 3.36 15.30
N HIS A 76 12.42 4.63 14.95
CA HIS A 76 12.61 5.12 13.60
C HIS A 76 14.03 4.96 13.08
N ALA A 77 15.02 5.27 13.93
CA ALA A 77 16.42 5.22 13.53
C ALA A 77 16.77 3.77 13.14
N ASP A 78 16.27 2.81 13.90
CA ASP A 78 16.62 1.42 13.74
C ASP A 78 15.91 0.78 12.52
N VAL A 79 14.66 1.16 12.29
CA VAL A 79 13.88 0.75 11.12
C VAL A 79 14.64 1.22 9.89
N GLN A 80 15.04 2.49 9.93
CA GLN A 80 15.82 3.06 8.83
C GLN A 80 17.13 2.28 8.57
N THR A 81 17.86 1.95 9.63
CA THR A 81 19.11 1.16 9.55
C THR A 81 18.90 -0.21 8.88
N VAL A 82 17.87 -0.90 9.34
CA VAL A 82 17.46 -2.17 8.74
C VAL A 82 17.15 -2.00 7.23
N LEU A 83 16.37 -0.97 6.87
CA LEU A 83 15.89 -0.86 5.49
C LEU A 83 16.99 -0.40 4.50
N ARG A 84 17.99 0.30 5.02
CA ARG A 84 19.18 0.68 4.24
C ARG A 84 20.11 -0.47 4.02
N ASP A 85 20.21 -1.38 4.99
CA ASP A 85 21.22 -2.45 4.91
C ASP A 85 20.71 -3.73 4.25
N THR A 86 20.66 -3.72 2.92
CA THR A 86 20.03 -4.81 2.16
C THR A 86 20.88 -6.05 2.09
N ALA A 87 22.19 -5.86 2.21
CA ALA A 87 23.17 -6.95 2.25
C ALA A 87 22.91 -7.81 3.50
N THR A 88 22.64 -7.18 4.64
CA THR A 88 22.30 -7.95 5.87
C THR A 88 20.82 -8.28 5.97
N PHE A 89 19.98 -7.32 5.62
CA PHE A 89 18.54 -7.50 5.78
C PHE A 89 17.85 -7.65 4.42
N SER A 90 17.77 -8.92 4.02
CA SER A 90 17.42 -9.28 2.67
C SER A 90 15.93 -9.16 2.44
N SER A 91 15.56 -8.87 1.22
CA SER A 91 14.19 -8.95 0.82
C SER A 91 13.88 -10.35 0.26
N ASP A 92 14.91 -11.19 0.15
CA ASP A 92 14.86 -12.53 -0.50
C ASP A 92 15.05 -13.66 0.51
N PRO A 93 13.95 -14.16 1.12
CA PRO A 93 14.07 -15.34 2.03
C PRO A 93 14.75 -16.56 1.38
N THR A 94 14.67 -16.70 0.06
CA THR A 94 15.28 -17.85 -0.61
C THR A 94 16.80 -17.76 -0.56
N ARG A 95 17.33 -16.54 -0.43
CA ARG A 95 18.77 -16.29 -0.35
C ARG A 95 19.43 -17.19 0.71
N VAL A 96 18.76 -17.36 1.84
CA VAL A 96 19.30 -18.13 2.98
C VAL A 96 18.97 -19.66 2.94
N ILE A 97 18.55 -20.17 1.78
CA ILE A 97 18.13 -21.58 1.65
C ILE A 97 18.87 -22.27 0.49
N GLU A 98 19.59 -23.36 0.80
CA GLU A 98 20.24 -24.17 -0.25
C GLU A 98 19.27 -24.59 -1.36
N GLY A 99 19.51 -24.13 -2.58
CA GLY A 99 18.79 -24.61 -3.77
C GLY A 99 17.45 -23.98 -4.07
N ALA A 100 17.12 -22.92 -3.34
CA ALA A 100 15.91 -22.14 -3.56
C ALA A 100 16.27 -20.80 -4.21
N SER A 101 15.42 -20.32 -5.10
CA SER A 101 15.66 -19.07 -5.81
C SER A 101 14.35 -18.27 -5.96
N PRO A 102 14.46 -16.94 -6.16
CA PRO A 102 13.24 -16.11 -6.14
C PRO A 102 12.34 -16.30 -7.38
N THR A 103 11.04 -16.07 -7.20
CA THR A 103 10.10 -16.05 -8.31
C THR A 103 10.44 -14.91 -9.28
N PRO A 104 10.65 -15.25 -10.58
CA PRO A 104 11.06 -14.16 -11.48
C PRO A 104 9.96 -13.08 -11.64
N GLY A 105 10.38 -11.84 -11.84
CA GLY A 105 9.43 -10.71 -12.00
C GLY A 105 9.04 -10.09 -10.65
N MET A 106 9.47 -10.71 -9.56
CA MET A 106 9.00 -10.30 -8.22
C MET A 106 9.99 -9.40 -7.55
N ILE A 107 10.00 -8.16 -8.02
CA ILE A 107 10.95 -7.14 -7.60
C ILE A 107 11.06 -6.96 -6.07
N HIS A 108 9.95 -7.14 -5.37
CA HIS A 108 9.96 -6.87 -3.93
C HIS A 108 10.57 -8.04 -3.16
N GLU A 109 10.86 -9.12 -3.90
CA GLU A 109 11.45 -10.34 -3.33
C GLU A 109 12.91 -10.60 -3.74
N ILE A 110 13.56 -9.60 -4.33
CA ILE A 110 14.93 -9.79 -4.78
C ILE A 110 15.85 -8.66 -4.32
N ASP A 111 17.13 -8.99 -4.19
CA ASP A 111 18.14 -8.07 -3.66
C ASP A 111 19.04 -7.52 -4.73
N PRO A 112 19.66 -6.36 -4.46
CA PRO A 112 20.77 -5.89 -5.33
C PRO A 112 21.82 -7.00 -5.46
N PRO A 113 22.53 -7.10 -6.62
CA PRO A 113 22.46 -6.34 -7.87
C PRO A 113 21.23 -6.60 -8.79
N GLU A 114 20.64 -7.79 -8.79
CA GLU A 114 19.54 -8.07 -9.73
C GLU A 114 18.30 -7.19 -9.54
N HIS A 115 18.01 -6.81 -8.30
CA HIS A 115 16.89 -5.93 -8.04
C HIS A 115 17.03 -4.67 -8.87
N ARG A 116 18.22 -4.08 -8.87
CA ARG A 116 18.53 -2.90 -9.66
C ARG A 116 18.31 -3.19 -11.14
N ALA A 117 18.87 -4.29 -11.63
CA ALA A 117 18.70 -4.68 -13.05
C ALA A 117 17.21 -4.72 -13.45
N LEU A 118 16.41 -5.40 -12.64
CA LEU A 118 14.99 -5.56 -12.91
C LEU A 118 14.20 -4.28 -12.73
N ARG A 119 14.45 -3.58 -11.62
CA ARG A 119 13.73 -2.33 -11.36
C ARG A 119 13.92 -1.34 -12.49
N LYS A 120 15.12 -1.30 -13.04
CA LYS A 120 15.41 -0.44 -14.19
C LYS A 120 14.56 -0.82 -15.39
N VAL A 121 14.44 -2.11 -15.69
CA VAL A 121 13.63 -2.57 -16.81
C VAL A 121 12.16 -2.14 -16.59
N VAL A 122 11.65 -2.51 -15.43
CA VAL A 122 10.25 -2.29 -15.09
C VAL A 122 9.90 -0.79 -15.11
N SER A 123 10.80 0.03 -14.56
CA SER A 123 10.60 1.49 -14.45
C SER A 123 10.52 2.20 -15.77
N SER A 124 11.19 1.63 -16.78
CA SER A 124 11.22 2.14 -18.15
C SER A 124 9.86 1.93 -18.82
N ALA A 125 9.10 0.96 -18.30
CA ALA A 125 7.75 0.71 -18.76
C ALA A 125 6.75 1.57 -18.00
N PHE A 126 6.84 1.52 -16.68
CA PHE A 126 5.94 2.23 -15.77
C PHE A 126 6.64 3.52 -15.34
N THR A 127 6.33 4.61 -16.03
CA THR A 127 7.11 5.88 -16.01
C THR A 127 6.36 7.04 -15.31
N PRO A 128 7.07 8.13 -14.94
CA PRO A 128 6.35 9.33 -14.41
C PRO A 128 5.22 9.90 -15.30
N ARG A 129 5.42 9.96 -16.62
CA ARG A 129 4.37 10.47 -17.52
C ARG A 129 3.23 9.47 -17.65
N THR A 130 3.56 8.20 -17.68
CA THR A 130 2.55 7.15 -17.61
C THR A 130 1.57 7.42 -16.46
N ILE A 131 2.12 7.70 -15.28
CA ILE A 131 1.29 7.94 -14.09
C ILE A 131 0.51 9.26 -14.16
N SER A 132 1.23 10.35 -14.46
CA SER A 132 0.63 11.69 -14.50
C SER A 132 -0.46 11.87 -15.57
N ASP A 133 -0.34 11.18 -16.72
CA ASP A 133 -1.39 11.21 -17.76
C ASP A 133 -2.69 10.58 -17.27
N LEU A 134 -2.62 9.85 -16.15
CA LEU A 134 -3.79 9.13 -15.61
C LEU A 134 -4.75 10.05 -14.84
N GLU A 135 -4.28 11.24 -14.48
CA GLU A 135 -5.13 12.12 -13.67
C GLU A 135 -6.58 12.28 -14.19
N PRO A 136 -6.78 12.63 -15.49
CA PRO A 136 -8.18 12.88 -15.90
C PRO A 136 -9.11 11.71 -15.75
N ARG A 137 -8.62 10.50 -16.05
CA ARG A 137 -9.41 9.29 -15.90
C ARG A 137 -9.68 9.02 -14.45
N ILE A 138 -8.66 9.19 -13.59
CA ILE A 138 -8.85 8.99 -12.13
C ILE A 138 -9.98 9.90 -11.63
N ARG A 139 -9.87 11.18 -11.99
CA ARG A 139 -10.88 12.21 -11.68
C ARG A 139 -12.23 11.88 -12.26
N ASP A 140 -12.21 11.39 -13.50
CA ASP A 140 -13.46 11.05 -14.18
C ASP A 140 -14.18 9.85 -13.52
N VAL A 141 -13.44 8.77 -13.24
CA VAL A 141 -14.00 7.61 -12.55
C VAL A 141 -14.53 7.98 -11.14
N THR A 142 -13.74 8.77 -10.44
CA THR A 142 -13.99 9.16 -9.04
C THR A 142 -15.25 9.97 -8.95
N ARG A 143 -15.31 11.02 -9.77
CA ARG A 143 -16.48 11.91 -9.79
C ARG A 143 -17.74 11.11 -10.09
N SER A 144 -17.69 10.18 -11.08
CA SER A 144 -18.86 9.41 -11.51
C SER A 144 -19.35 8.51 -10.41
N LEU A 145 -18.41 7.85 -9.72
CA LEU A 145 -18.75 6.97 -8.61
C LEU A 145 -19.37 7.76 -7.46
N LEU A 146 -18.71 8.83 -7.05
CA LEU A 146 -19.27 9.70 -6.01
C LEU A 146 -20.63 10.31 -6.35
N ALA A 147 -20.81 10.71 -7.62
CA ALA A 147 -22.06 11.36 -8.05
C ALA A 147 -23.30 10.48 -7.83
N ASP A 148 -23.09 9.19 -7.69
CA ASP A 148 -24.16 8.27 -7.37
C ASP A 148 -24.30 8.01 -5.85
N ALA A 149 -23.48 8.69 -5.04
CA ALA A 149 -23.54 8.54 -3.57
C ALA A 149 -24.13 9.80 -2.94
N GLY A 150 -25.13 9.59 -2.09
CA GLY A 150 -25.83 10.68 -1.45
C GLY A 150 -25.49 10.87 0.02
N GLU A 151 -26.55 10.96 0.80
CA GLU A 151 -26.47 11.26 2.22
C GLU A 151 -25.66 10.22 2.97
N SER A 152 -25.98 8.96 2.73
CA SER A 152 -25.38 7.88 3.46
C SER A 152 -24.86 6.83 2.52
N PHE A 153 -23.66 6.35 2.81
CA PHE A 153 -23.05 5.33 1.97
C PHE A 153 -21.80 4.83 2.60
N ASP A 154 -21.28 3.73 2.07
CA ASP A 154 -20.00 3.23 2.50
C ASP A 154 -18.94 3.82 1.58
N LEU A 155 -18.04 4.63 2.12
CA LEU A 155 -17.01 5.21 1.28
C LEU A 155 -16.12 4.15 0.67
N VAL A 156 -15.90 3.04 1.38
CA VAL A 156 -15.04 2.03 0.81
C VAL A 156 -15.77 1.32 -0.35
N ASP A 157 -16.98 0.84 -0.11
CA ASP A 157 -17.77 0.16 -1.17
C ASP A 157 -17.96 1.03 -2.41
N VAL A 158 -18.14 2.33 -2.20
CA VAL A 158 -18.45 3.26 -3.29
C VAL A 158 -17.21 3.71 -4.08
N LEU A 159 -16.18 4.15 -3.37
CA LEU A 159 -15.01 4.77 -3.98
C LEU A 159 -13.71 3.99 -3.78
N ALA A 160 -13.38 3.75 -2.50
CA ALA A 160 -12.02 3.38 -2.14
C ALA A 160 -11.63 2.00 -2.65
N PHE A 161 -12.60 1.09 -2.68
CA PHE A 161 -12.38 -0.26 -3.19
C PHE A 161 -12.35 -0.33 -4.73
N PRO A 162 -13.40 0.16 -5.42
CA PRO A 162 -13.41 0.04 -6.89
C PRO A 162 -12.38 0.90 -7.64
N LEU A 163 -12.05 2.07 -7.09
CA LEU A 163 -11.16 3.01 -7.80
C LEU A 163 -9.80 2.45 -8.27
N PRO A 164 -8.97 1.94 -7.34
CA PRO A 164 -7.58 1.57 -7.68
C PRO A 164 -7.54 0.48 -8.73
N VAL A 165 -8.39 -0.51 -8.55
CA VAL A 165 -8.45 -1.64 -9.44
C VAL A 165 -8.93 -1.21 -10.85
N THR A 166 -9.89 -0.29 -10.94
CA THR A 166 -10.28 0.29 -12.27
C THR A 166 -9.09 0.90 -13.02
N ILE A 167 -8.31 1.70 -12.27
CA ILE A 167 -7.14 2.38 -12.80
C ILE A 167 -6.02 1.39 -13.19
N VAL A 168 -5.78 0.37 -12.35
CA VAL A 168 -4.78 -0.66 -12.70
C VAL A 168 -5.20 -1.37 -14.02
N ALA A 169 -6.48 -1.74 -14.11
CA ALA A 169 -6.98 -2.42 -15.29
C ALA A 169 -6.72 -1.55 -16.54
N GLU A 170 -6.99 -0.26 -16.43
CA GLU A 170 -6.82 0.64 -17.58
C GLU A 170 -5.34 0.88 -17.93
N LEU A 171 -4.51 1.00 -16.90
CA LEU A 171 -3.09 1.15 -17.09
C LEU A 171 -2.53 -0.07 -17.79
N LEU A 172 -3.02 -1.25 -17.43
CA LEU A 172 -2.53 -2.51 -18.02
C LEU A 172 -3.00 -2.71 -19.47
N GLY A 173 -4.10 -2.04 -19.82
CA GLY A 173 -4.62 -2.05 -21.20
C GLY A 173 -5.53 -3.23 -21.50
N LEU A 174 -6.13 -3.76 -20.44
CA LEU A 174 -6.90 -4.97 -20.62
C LEU A 174 -8.33 -4.67 -21.05
N PRO A 175 -8.91 -5.54 -21.89
CA PRO A 175 -10.26 -5.36 -22.45
C PRO A 175 -11.30 -4.94 -21.41
N PRO A 176 -12.01 -3.82 -21.68
CA PRO A 176 -13.10 -3.32 -20.83
C PRO A 176 -14.03 -4.46 -20.37
N MET A 177 -14.23 -5.46 -21.24
CA MET A 177 -15.04 -6.65 -20.96
C MET A 177 -14.38 -7.67 -20.03
N ASP A 178 -13.11 -7.46 -19.69
CA ASP A 178 -12.41 -8.29 -18.71
C ASP A 178 -12.37 -7.65 -17.31
N HIS A 179 -12.86 -6.41 -17.20
CA HIS A 179 -12.76 -5.62 -15.98
C HIS A 179 -13.47 -6.22 -14.77
N GLU A 180 -14.65 -6.78 -15.00
CA GLU A 180 -15.48 -7.40 -13.95
C GLU A 180 -14.75 -8.57 -13.25
N GLN A 181 -14.22 -9.51 -14.03
CA GLN A 181 -13.47 -10.63 -13.48
C GLN A 181 -12.14 -10.20 -12.83
N PHE A 182 -11.47 -9.26 -13.47
CA PHE A 182 -10.22 -8.72 -12.95
C PHE A 182 -10.44 -8.13 -11.56
N GLY A 183 -11.50 -7.33 -11.44
CA GLY A 183 -11.96 -6.78 -10.15
C GLY A 183 -12.34 -7.85 -9.14
N ASP A 184 -12.99 -8.92 -9.59
CA ASP A 184 -13.37 -9.99 -8.68
C ASP A 184 -12.15 -10.74 -8.10
N TRP A 185 -11.12 -10.95 -8.91
CA TRP A 185 -9.89 -11.59 -8.46
C TRP A 185 -9.16 -10.71 -7.42
N SER A 186 -8.95 -9.44 -7.77
CA SER A 186 -8.30 -8.46 -6.87
C SER A 186 -9.10 -8.31 -5.56
N GLY A 187 -10.43 -8.22 -5.68
CA GLY A 187 -11.34 -8.13 -4.53
C GLY A 187 -11.27 -9.31 -3.58
N ALA A 188 -11.41 -10.53 -4.12
CA ALA A 188 -11.10 -11.77 -3.38
C ALA A 188 -9.77 -11.73 -2.60
N LEU A 189 -8.73 -11.18 -3.22
CA LEU A 189 -7.42 -11.10 -2.56
C LEU A 189 -7.38 -10.03 -1.48
N VAL A 190 -8.15 -8.96 -1.66
CA VAL A 190 -8.33 -7.98 -0.59
C VAL A 190 -9.08 -8.64 0.56
N ASP A 191 -10.14 -9.37 0.24
CA ASP A 191 -10.97 -10.03 1.26
C ASP A 191 -10.21 -11.07 2.09
N ILE A 192 -9.33 -11.83 1.44
CA ILE A 192 -8.40 -12.74 2.11
C ILE A 192 -7.73 -12.12 3.34
N GLN A 193 -7.41 -10.83 3.27
CA GLN A 193 -6.68 -10.11 4.33
C GLN A 193 -7.54 -9.80 5.55
N MET A 194 -8.84 -10.08 5.45
CA MET A 194 -9.77 -9.88 6.53
C MET A 194 -9.69 -11.07 7.48
N ASP A 195 -9.09 -12.15 6.98
CA ASP A 195 -9.00 -13.43 7.67
C ASP A 195 -7.73 -13.54 8.47
N ASP A 196 -7.76 -14.40 9.50
CA ASP A 196 -6.58 -14.70 10.31
C ASP A 196 -5.51 -15.36 9.43
N PRO A 197 -4.34 -14.68 9.29
CA PRO A 197 -3.25 -15.05 8.37
C PRO A 197 -2.57 -16.35 8.76
N THR A 198 -2.83 -16.81 9.98
CA THR A 198 -2.35 -18.10 10.46
C THR A 198 -3.36 -19.21 10.23
N ASP A 199 -4.52 -18.86 9.65
CA ASP A 199 -5.48 -19.86 9.19
C ASP A 199 -4.75 -20.72 8.17
N PRO A 200 -4.58 -22.02 8.48
CA PRO A 200 -3.72 -22.88 7.68
C PRO A 200 -4.22 -23.10 6.27
N ALA A 201 -5.48 -22.72 6.01
CA ALA A 201 -6.05 -22.76 4.65
C ALA A 201 -5.61 -21.56 3.79
N LEU A 202 -4.91 -20.61 4.41
CA LEU A 202 -4.49 -19.35 3.78
C LEU A 202 -3.90 -19.52 2.37
N ALA A 203 -2.81 -20.27 2.29
CA ALA A 203 -2.04 -20.37 1.04
C ALA A 203 -2.87 -20.88 -0.13
N GLU A 204 -3.74 -21.87 0.16
CA GLU A 204 -4.62 -22.53 -0.82
C GLU A 204 -5.67 -21.59 -1.44
N ARG A 205 -6.34 -20.83 -0.58
CA ARG A 205 -7.29 -19.79 -1.01
C ARG A 205 -6.61 -18.65 -1.80
N ILE A 206 -5.40 -18.25 -1.40
CA ILE A 206 -4.58 -17.31 -2.18
C ILE A 206 -4.26 -17.87 -3.59
N ALA A 207 -3.86 -19.14 -3.65
CA ALA A 207 -3.49 -19.78 -4.90
C ALA A 207 -4.71 -19.98 -5.78
N ASP A 208 -5.86 -20.20 -5.15
CA ASP A 208 -7.12 -20.36 -5.89
C ASP A 208 -7.45 -19.14 -6.74
N VAL A 209 -7.07 -17.95 -6.26
CA VAL A 209 -7.29 -16.70 -7.02
C VAL A 209 -6.08 -16.30 -7.85
N LEU A 210 -4.90 -16.49 -7.27
CA LEU A 210 -3.67 -16.00 -7.86
C LEU A 210 -3.37 -16.75 -9.13
N ASN A 211 -3.52 -18.07 -9.10
CA ASN A 211 -3.16 -18.89 -10.25
C ASN A 211 -3.87 -18.53 -11.55
N PRO A 212 -5.22 -18.42 -11.55
CA PRO A 212 -5.89 -17.86 -12.74
C PRO A 212 -5.54 -16.41 -13.12
N LEU A 213 -5.46 -15.51 -12.14
CA LEU A 213 -5.11 -14.12 -12.37
C LEU A 213 -3.86 -14.01 -13.19
N THR A 214 -2.79 -14.65 -12.72
CA THR A 214 -1.48 -14.59 -13.33
C THR A 214 -1.48 -15.29 -14.69
N ALA A 215 -2.25 -16.36 -14.86
CA ALA A 215 -2.31 -17.02 -16.18
C ALA A 215 -3.10 -16.17 -17.19
N TYR A 216 -4.08 -15.41 -16.71
CA TYR A 216 -4.77 -14.41 -17.54
C TYR A 216 -3.80 -13.32 -18.01
N LEU A 217 -2.97 -12.82 -17.09
CA LEU A 217 -1.99 -11.78 -17.41
C LEU A 217 -0.86 -12.30 -18.30
N LYS A 218 -0.40 -13.52 -18.04
CA LYS A 218 0.65 -14.17 -18.84
C LYS A 218 0.26 -14.48 -20.29
N ALA A 219 -1.02 -14.79 -20.49
CA ALA A 219 -1.59 -14.91 -21.83
C ALA A 219 -1.62 -13.52 -22.47
N ARG A 220 -2.05 -12.51 -21.72
CA ARG A 220 -2.09 -11.13 -22.21
C ARG A 220 -0.70 -10.68 -22.62
N CYS A 221 0.29 -10.97 -21.77
CA CYS A 221 1.68 -10.71 -22.12
C CYS A 221 2.10 -11.34 -23.47
N ALA A 222 1.68 -12.58 -23.72
CA ALA A 222 2.10 -13.33 -24.90
C ALA A 222 1.40 -12.78 -26.14
N GLU A 223 0.10 -12.50 -25.98
CA GLU A 223 -0.69 -11.75 -26.96
C GLU A 223 -0.01 -10.44 -27.34
N ARG A 224 0.44 -9.69 -26.34
CA ARG A 224 0.96 -8.34 -26.55
C ARG A 224 2.36 -8.37 -27.13
N ARG A 225 3.11 -9.43 -26.84
CA ARG A 225 4.44 -9.65 -27.40
C ARG A 225 4.35 -9.85 -28.92
N ALA A 226 3.25 -10.45 -29.37
CA ALA A 226 3.04 -10.70 -30.80
C ALA A 226 2.38 -9.51 -31.48
N ASP A 227 1.53 -8.82 -30.74
CA ASP A 227 0.76 -7.72 -31.27
C ASP A 227 0.63 -6.59 -30.27
N PRO A 228 1.70 -5.79 -30.12
CA PRO A 228 1.79 -4.75 -29.09
C PRO A 228 0.83 -3.59 -29.28
N GLY A 229 0.49 -2.92 -28.18
CA GLY A 229 -0.36 -1.73 -28.17
C GLY A 229 0.27 -0.62 -27.34
N ASP A 230 -0.52 0.37 -26.95
CA ASP A 230 -0.06 1.41 -26.02
C ASP A 230 -0.60 1.16 -24.60
N ASP A 231 -0.02 0.18 -23.94
CA ASP A 231 -0.46 -0.21 -22.59
C ASP A 231 0.74 -0.69 -21.81
N LEU A 232 0.61 -0.73 -20.49
CA LEU A 232 1.73 -1.16 -19.65
C LEU A 232 2.20 -2.58 -19.95
N ILE A 233 1.30 -3.49 -20.27
CA ILE A 233 1.75 -4.85 -20.55
C ILE A 233 2.63 -4.86 -21.80
N SER A 234 2.17 -4.16 -22.84
CA SER A 234 2.92 -4.02 -24.10
C SER A 234 4.28 -3.40 -23.87
N ARG A 235 4.29 -2.31 -23.13
CA ARG A 235 5.52 -1.68 -22.67
C ARG A 235 6.43 -2.66 -21.93
N LEU A 236 5.87 -3.49 -21.05
CA LEU A 236 6.69 -4.40 -20.25
C LEU A 236 7.30 -5.50 -21.11
N VAL A 237 6.57 -5.95 -22.13
CA VAL A 237 7.10 -7.02 -22.99
C VAL A 237 7.99 -6.47 -24.09
N LEU A 238 7.88 -5.16 -24.31
CA LEU A 238 8.73 -4.45 -25.28
C LEU A 238 10.02 -3.90 -24.67
N ALA A 239 10.03 -3.69 -23.35
CA ALA A 239 11.19 -3.10 -22.66
C ALA A 239 12.51 -3.88 -22.77
N GLU A 240 13.60 -3.14 -22.82
CA GLU A 240 14.94 -3.69 -22.60
C GLU A 240 15.82 -2.54 -22.17
N VAL A 241 16.58 -2.74 -21.11
CA VAL A 241 17.40 -1.64 -20.61
C VAL A 241 18.89 -1.87 -20.81
N ASP A 242 19.50 -2.74 -20.01
CA ASP A 242 20.95 -2.96 -20.20
C ASP A 242 21.19 -4.41 -20.62
N GLY A 243 20.74 -4.72 -21.82
CA GLY A 243 20.70 -6.09 -22.28
C GLY A 243 19.64 -6.91 -21.59
N ARG A 244 18.81 -6.29 -20.74
CA ARG A 244 17.83 -7.04 -19.94
C ARG A 244 16.37 -6.76 -20.29
N ALA A 245 15.64 -7.84 -20.51
CA ALA A 245 14.22 -7.80 -20.84
C ALA A 245 13.42 -8.72 -19.92
N LEU A 246 12.10 -8.68 -20.07
CA LEU A 246 11.19 -9.58 -19.37
C LEU A 246 10.57 -10.55 -20.33
N ASP A 247 10.79 -11.84 -20.10
CA ASP A 247 9.96 -12.87 -20.73
C ASP A 247 8.53 -12.82 -20.16
N ASP A 248 7.63 -13.63 -20.72
CA ASP A 248 6.22 -13.52 -20.35
C ASP A 248 5.99 -13.81 -18.86
N GLU A 249 6.79 -14.74 -18.32
CA GLU A 249 6.73 -15.13 -16.91
C GLU A 249 7.06 -13.96 -16.00
N GLU A 250 8.16 -13.29 -16.28
CA GLU A 250 8.56 -12.14 -15.50
C GLU A 250 7.54 -11.02 -15.61
N ALA A 251 7.06 -10.78 -16.83
CA ALA A 251 6.10 -9.69 -17.12
C ALA A 251 4.75 -9.91 -16.46
N ALA A 252 4.37 -11.18 -16.37
CA ALA A 252 3.08 -11.57 -15.78
C ALA A 252 3.14 -11.50 -14.25
N ASN A 253 4.23 -12.02 -13.67
CA ASN A 253 4.49 -11.92 -12.22
C ASN A 253 4.61 -10.47 -11.72
N PHE A 254 5.32 -9.63 -12.45
CA PHE A 254 5.33 -8.20 -12.16
C PHE A 254 3.94 -7.57 -12.19
N SER A 255 3.16 -7.82 -13.25
CA SER A 255 1.85 -7.15 -13.36
C SER A 255 0.94 -7.54 -12.21
N THR A 256 1.01 -8.82 -11.82
CA THR A 256 0.27 -9.33 -10.68
C THR A 256 0.72 -8.64 -9.38
N ALA A 257 2.04 -8.61 -9.14
CA ALA A 257 2.57 -7.91 -7.96
C ALA A 257 2.12 -6.46 -7.94
N LEU A 258 2.15 -5.80 -9.12
CA LEU A 258 1.74 -4.41 -9.26
C LEU A 258 0.31 -4.26 -8.79
N LEU A 259 -0.57 -5.12 -9.30
CA LEU A 259 -1.98 -5.09 -8.84
C LEU A 259 -2.12 -5.28 -7.31
N LEU A 260 -1.48 -6.31 -6.76
CA LEU A 260 -1.60 -6.65 -5.33
C LEU A 260 -1.03 -5.57 -4.42
N ALA A 261 0.07 -4.99 -4.85
CA ALA A 261 0.68 -3.85 -4.14
C ALA A 261 -0.18 -2.61 -4.17
N GLY A 262 -0.98 -2.49 -5.22
CA GLY A 262 -1.64 -1.24 -5.53
C GLY A 262 -3.06 -1.11 -5.04
N HIS A 263 -3.74 -2.22 -4.83
CA HIS A 263 -5.17 -2.17 -4.60
C HIS A 263 -5.49 -1.90 -3.12
N ILE A 264 -5.22 -2.86 -2.26
CA ILE A 264 -5.53 -2.76 -0.80
C ILE A 264 -4.91 -1.54 -0.10
N THR A 265 -3.67 -1.21 -0.49
CA THR A 265 -2.93 -0.12 0.12
C THR A 265 -3.65 1.17 -0.18
N THR A 266 -3.99 1.36 -1.45
CA THR A 266 -4.62 2.57 -1.89
C THR A 266 -6.01 2.67 -1.31
N THR A 267 -6.74 1.55 -1.29
CA THR A 267 -8.06 1.46 -0.69
C THR A 267 -8.00 1.88 0.80
N VAL A 268 -7.03 1.31 1.51
CA VAL A 268 -6.87 1.58 2.94
C VAL A 268 -6.49 3.03 3.19
N LEU A 269 -5.62 3.58 2.34
CA LEU A 269 -5.18 4.97 2.53
C LEU A 269 -6.36 5.94 2.47
N LEU A 270 -7.21 5.80 1.45
CA LEU A 270 -8.31 6.76 1.32
C LEU A 270 -9.30 6.71 2.52
N GLY A 271 -9.57 5.52 3.03
CA GLY A 271 -10.42 5.33 4.22
C GLY A 271 -9.76 5.96 5.42
N ASN A 272 -8.44 5.77 5.55
CA ASN A 272 -7.69 6.39 6.65
C ASN A 272 -7.69 7.89 6.58
N ILE A 273 -7.62 8.44 5.37
CA ILE A 273 -7.71 9.88 5.18
C ILE A 273 -9.03 10.41 5.72
N VAL A 274 -10.13 9.74 5.38
CA VAL A 274 -11.45 10.21 5.75
C VAL A 274 -11.61 10.02 7.26
N ARG A 275 -11.13 8.89 7.76
CA ARG A 275 -11.22 8.63 9.21
C ARG A 275 -10.45 9.68 10.03
N THR A 276 -9.31 10.10 9.49
CA THR A 276 -8.44 11.04 10.20
C THR A 276 -8.96 12.47 10.17
N LEU A 277 -9.62 12.84 9.08
CA LEU A 277 -10.27 14.16 8.95
C LEU A 277 -11.52 14.18 9.80
N ASP A 278 -12.16 13.02 9.91
CA ASP A 278 -13.26 12.89 10.81
C ASP A 278 -12.88 13.29 12.22
N GLU A 279 -11.67 12.89 12.65
CA GLU A 279 -11.18 13.17 14.00
C GLU A 279 -10.62 14.57 14.16
N HIS A 280 -10.16 15.13 13.05
CA HIS A 280 -9.56 16.46 13.02
C HIS A 280 -10.28 17.32 11.96
N PRO A 281 -11.59 17.57 12.17
CA PRO A 281 -12.44 18.02 11.05
C PRO A 281 -12.21 19.43 10.60
N ALA A 282 -11.50 20.27 11.36
CA ALA A 282 -11.22 21.63 10.87
C ALA A 282 -10.44 21.62 9.53
N HIS A 283 -9.81 20.49 9.22
CA HIS A 283 -9.04 20.37 7.98
C HIS A 283 -9.93 20.22 6.74
N TRP A 284 -11.15 19.68 6.89
CA TRP A 284 -12.15 19.75 5.82
C TRP A 284 -12.29 21.17 5.25
N ASP A 285 -12.57 22.14 6.12
CA ASP A 285 -12.74 23.54 5.69
C ASP A 285 -11.46 24.17 5.16
N ALA A 286 -10.32 23.88 5.80
CA ALA A 286 -9.05 24.43 5.30
C ALA A 286 -8.76 23.93 3.88
N ALA A 287 -9.08 22.66 3.63
CA ALA A 287 -8.81 22.00 2.38
C ALA A 287 -9.84 22.48 1.33
N ALA A 288 -11.09 22.63 1.76
CA ALA A 288 -12.17 23.18 0.96
C ALA A 288 -11.80 24.53 0.43
N GLU A 289 -11.25 25.37 1.31
CA GLU A 289 -10.84 26.72 0.98
C GLU A 289 -9.63 26.72 0.09
N ASP A 290 -8.70 25.80 0.38
CA ASP A 290 -7.42 25.73 -0.35
C ASP A 290 -7.02 24.29 -0.65
N PRO A 291 -7.31 23.82 -1.86
CA PRO A 291 -7.09 22.42 -2.24
C PRO A 291 -5.62 22.09 -2.35
N GLY A 292 -4.81 23.15 -2.51
CA GLY A 292 -3.34 23.09 -2.43
C GLY A 292 -2.80 22.48 -1.13
N ARG A 293 -3.64 22.46 -0.09
CA ARG A 293 -3.32 21.83 1.17
C ARG A 293 -3.45 20.29 1.16
N ILE A 294 -4.17 19.77 0.19
CA ILE A 294 -4.51 18.34 0.17
C ILE A 294 -3.30 17.42 0.18
N PRO A 295 -2.27 17.69 -0.67
CA PRO A 295 -1.08 16.83 -0.65
C PRO A 295 -0.40 16.68 0.72
N ALA A 296 -0.30 17.75 1.52
CA ALA A 296 0.25 17.64 2.87
C ALA A 296 -0.66 16.83 3.78
N ILE A 297 -1.95 16.92 3.55
CA ILE A 297 -2.90 16.08 4.29
C ILE A 297 -2.64 14.62 3.94
N VAL A 298 -2.46 14.30 2.67
CA VAL A 298 -2.22 12.93 2.29
C VAL A 298 -0.92 12.40 2.95
N GLU A 299 0.18 13.15 2.88
CA GLU A 299 1.41 12.71 3.60
C GLU A 299 1.23 12.51 5.11
N GLU A 300 0.53 13.45 5.75
CA GLU A 300 0.36 13.38 7.20
C GLU A 300 -0.51 12.21 7.59
N VAL A 301 -1.58 11.94 6.84
CA VAL A 301 -2.32 10.67 7.06
C VAL A 301 -1.42 9.44 6.88
N LEU A 302 -0.63 9.40 5.80
CA LEU A 302 0.33 8.31 5.62
C LEU A 302 1.23 8.12 6.80
N ARG A 303 1.80 9.20 7.37
CA ARG A 303 2.62 9.09 8.56
C ARG A 303 1.77 8.59 9.74
N TYR A 304 0.57 9.15 9.88
CA TYR A 304 -0.27 8.97 11.06
C TYR A 304 -0.85 7.57 11.04
N ARG A 305 -1.30 7.11 9.87
CA ARG A 305 -1.94 5.79 9.74
C ARG A 305 -1.47 5.09 8.48
N PRO A 306 -0.24 4.56 8.52
CA PRO A 306 0.38 3.81 7.42
C PRO A 306 -0.47 2.58 7.06
N PRO A 307 -0.93 2.48 5.79
CA PRO A 307 -1.71 1.34 5.40
C PRO A 307 -0.95 0.02 5.66
N PHE A 308 0.37 0.05 5.49
CA PHE A 308 1.23 -1.05 5.89
C PHE A 308 1.99 -0.62 7.14
N PRO A 309 1.58 -1.12 8.32
CA PRO A 309 2.32 -0.77 9.52
C PRO A 309 3.60 -1.57 9.75
N GLN A 310 3.84 -2.59 8.92
CA GLN A 310 4.98 -3.48 9.15
C GLN A 310 5.63 -3.82 7.82
N MET A 311 6.95 -3.97 7.82
CA MET A 311 7.66 -4.57 6.69
C MET A 311 8.53 -5.70 7.22
N GLN A 312 8.89 -6.65 6.35
CA GLN A 312 9.67 -7.80 6.79
C GLN A 312 10.95 -7.94 6.01
N ARG A 313 12.00 -8.37 6.71
CA ARG A 313 13.29 -8.71 6.10
C ARG A 313 13.76 -10.03 6.67
N THR A 314 14.83 -10.61 6.10
CA THR A 314 15.46 -11.82 6.65
C THR A 314 16.92 -11.56 6.85
N THR A 315 17.46 -11.90 8.01
CA THR A 315 18.89 -11.64 8.17
C THR A 315 19.71 -12.65 7.38
N THR A 316 20.79 -12.16 6.79
CA THR A 316 21.66 -13.04 5.97
C THR A 316 22.86 -13.55 6.78
N LYS A 317 23.01 -13.01 7.98
CA LYS A 317 24.18 -13.24 8.81
C LYS A 317 23.90 -12.69 10.17
N ALA A 318 24.64 -13.19 11.14
CA ALA A 318 24.66 -12.64 12.47
C ALA A 318 24.80 -11.11 12.36
N THR A 319 23.87 -10.39 12.98
CA THR A 319 23.93 -8.92 12.98
C THR A 319 23.39 -8.32 14.28
N GLU A 320 23.35 -7.01 14.34
CA GLU A 320 22.85 -6.35 15.56
C GLU A 320 21.97 -5.20 15.18
N VAL A 321 20.99 -4.92 16.03
CA VAL A 321 20.28 -3.65 15.91
C VAL A 321 20.27 -2.99 17.26
N ALA A 322 20.76 -1.77 17.31
CA ALA A 322 20.72 -0.98 18.51
C ALA A 322 21.40 -1.77 19.64
N GLY A 323 22.43 -2.53 19.29
CA GLY A 323 23.24 -3.30 20.26
C GLY A 323 22.62 -4.62 20.66
N VAL A 324 21.45 -4.91 20.13
CA VAL A 324 20.77 -6.18 20.41
C VAL A 324 21.16 -7.20 19.33
N PRO A 325 21.72 -8.35 19.73
CA PRO A 325 22.25 -9.31 18.74
C PRO A 325 21.13 -10.15 18.10
N ILE A 326 21.16 -10.22 16.77
CA ILE A 326 20.15 -10.99 16.03
C ILE A 326 20.91 -12.03 15.17
N PRO A 327 20.54 -13.32 15.24
CA PRO A 327 21.21 -14.39 14.49
C PRO A 327 20.86 -14.35 13.01
N ALA A 328 21.63 -15.10 12.24
CA ALA A 328 21.40 -15.23 10.83
C ALA A 328 20.10 -15.97 10.59
N ASP A 329 19.53 -15.72 9.42
CA ASP A 329 18.50 -16.57 8.88
C ASP A 329 17.22 -16.42 9.70
N VAL A 330 16.97 -15.23 10.20
CA VAL A 330 15.67 -15.03 10.88
C VAL A 330 14.94 -13.82 10.33
N MET A 331 13.64 -13.78 10.58
CA MET A 331 12.78 -12.70 10.11
C MET A 331 12.75 -11.50 11.05
N VAL A 332 12.90 -10.33 10.45
CA VAL A 332 12.87 -9.07 11.15
C VAL A 332 11.72 -8.26 10.62
N ASN A 333 10.89 -7.77 11.53
CA ASN A 333 9.68 -7.03 11.21
C ASN A 333 9.95 -5.60 11.67
N THR A 334 9.95 -4.66 10.72
CA THR A 334 10.20 -3.25 11.03
C THR A 334 8.85 -2.59 11.17
N TRP A 335 8.59 -2.03 12.34
CA TRP A 335 7.33 -1.35 12.56
C TRP A 335 7.42 0.13 12.12
N VAL A 336 7.05 0.34 10.85
CA VAL A 336 6.79 1.64 10.23
C VAL A 336 5.79 2.47 11.07
N LEU A 337 4.68 1.88 11.48
CA LEU A 337 3.76 2.56 12.39
C LEU A 337 4.40 3.08 13.69
N SER A 338 5.28 2.28 14.31
CA SER A 338 6.02 2.76 15.49
C SER A 338 7.04 3.86 15.18
N ALA A 339 7.77 3.68 14.08
CA ALA A 339 8.68 4.68 13.59
C ALA A 339 7.98 6.04 13.30
N ASN A 340 6.81 5.97 12.67
CA ASN A 340 6.04 7.18 12.36
C ASN A 340 5.60 7.94 13.65
N ARG A 341 5.53 7.24 14.77
CA ARG A 341 5.06 7.85 16.06
C ARG A 341 6.20 8.00 17.09
N ASP A 342 7.42 7.87 16.61
CA ASP A 342 8.64 7.99 17.41
C ASP A 342 8.97 9.48 17.59
N SER A 343 9.03 9.94 18.85
CA SER A 343 9.28 11.36 19.16
C SER A 343 10.71 11.76 18.83
N ASP A 344 11.61 10.78 18.71
CA ASP A 344 12.97 11.06 18.32
C ASP A 344 13.06 11.46 16.86
N ALA A 345 11.99 11.22 16.12
CA ALA A 345 11.97 11.46 14.67
C ALA A 345 10.92 12.50 14.27
N HIS A 346 9.84 12.56 15.04
CA HIS A 346 8.74 13.45 14.77
C HIS A 346 8.39 14.12 16.09
N ASP A 347 8.58 15.43 16.15
CA ASP A 347 8.11 16.23 17.30
C ASP A 347 6.61 16.13 17.45
N ASP A 348 6.16 16.00 18.70
CA ASP A 348 4.75 15.79 19.05
C ASP A 348 4.11 14.75 18.12
N PRO A 349 4.69 13.52 18.09
CA PRO A 349 4.41 12.54 17.00
C PRO A 349 2.95 12.15 16.90
N ASP A 350 2.24 12.24 18.01
CA ASP A 350 0.87 11.77 18.02
C ASP A 350 -0.12 12.87 17.68
N ARG A 351 0.41 14.05 17.37
CA ARG A 351 -0.43 15.16 16.90
C ARG A 351 -0.63 15.02 15.37
N PHE A 352 -1.89 14.94 14.96
CA PHE A 352 -2.19 14.99 13.52
C PHE A 352 -1.97 16.43 13.05
N ASP A 353 -0.94 16.64 12.22
CA ASP A 353 -0.49 17.99 11.87
C ASP A 353 0.05 18.11 10.43
N PRO A 354 -0.84 18.40 9.47
CA PRO A 354 -0.42 18.43 8.08
C PRO A 354 0.61 19.50 7.76
N SER A 355 0.82 20.44 8.68
CA SER A 355 1.80 21.50 8.49
C SER A 355 3.24 21.00 8.50
N ARG A 356 3.48 19.78 8.98
CA ARG A 356 4.81 19.13 8.90
C ARG A 356 5.38 19.22 7.50
N LYS A 357 6.70 19.32 7.45
CA LYS A 357 7.41 19.61 6.21
C LYS A 357 7.73 18.31 5.50
N SER A 358 6.67 17.66 5.05
CA SER A 358 6.67 16.31 4.51
C SER A 358 6.95 16.29 3.01
N GLY A 359 6.82 15.12 2.40
CA GLY A 359 7.07 14.95 0.98
C GLY A 359 8.23 14.02 0.61
N GLY A 360 8.15 13.48 -0.59
CA GLY A 360 9.25 12.72 -1.13
C GLY A 360 9.65 11.37 -0.53
N ALA A 361 10.95 11.14 -0.63
CA ALA A 361 11.47 9.82 -0.28
C ALA A 361 11.52 9.66 1.24
N ALA A 362 11.27 10.72 2.00
CA ALA A 362 11.21 10.71 3.48
C ALA A 362 9.92 10.04 4.04
N GLN A 363 8.97 9.79 3.13
CA GLN A 363 7.72 9.16 3.50
C GLN A 363 7.95 7.67 3.79
N LEU A 364 8.21 7.38 5.07
CA LEU A 364 8.44 6.01 5.50
C LEU A 364 7.28 5.09 5.21
N SER A 365 6.10 5.64 4.98
CA SER A 365 4.95 4.73 4.77
C SER A 365 4.98 4.05 3.38
N PHE A 366 5.85 4.55 2.48
CA PHE A 366 6.14 3.92 1.19
C PHE A 366 7.46 3.11 1.24
N GLY A 367 7.98 2.87 2.42
CA GLY A 367 9.27 2.21 2.54
C GLY A 367 10.42 3.20 2.64
N HIS A 368 11.65 2.70 2.40
CA HIS A 368 12.86 3.50 2.53
C HIS A 368 14.00 2.79 1.79
N GLY A 369 14.72 3.51 0.91
CA GLY A 369 15.80 2.90 0.18
C GLY A 369 15.42 2.34 -1.19
N VAL A 370 16.15 1.32 -1.63
CA VAL A 370 16.03 0.82 -3.00
C VAL A 370 14.66 0.22 -3.35
N HIS A 371 13.98 -0.35 -2.36
CA HIS A 371 12.61 -0.85 -2.58
C HIS A 371 11.46 0.17 -2.40
N PHE A 372 11.83 1.44 -2.17
CA PHE A 372 10.84 2.51 -1.98
C PHE A 372 9.74 2.33 -3.05
N CYS A 373 8.49 2.27 -2.56
CA CYS A 373 7.30 2.10 -3.39
C CYS A 373 7.37 2.66 -4.82
N LEU A 374 7.25 1.72 -5.77
CA LEU A 374 7.30 2.06 -7.20
C LEU A 374 6.00 2.75 -7.54
N GLY A 375 4.95 2.46 -6.77
CA GLY A 375 3.68 3.07 -7.06
C GLY A 375 3.41 4.39 -6.36
N ALA A 376 4.39 4.94 -5.67
CA ALA A 376 4.14 6.14 -4.84
C ALA A 376 3.45 7.31 -5.57
N PRO A 377 3.93 7.68 -6.78
CA PRO A 377 3.24 8.78 -7.47
C PRO A 377 1.78 8.45 -7.76
N LEU A 378 1.50 7.19 -8.12
CA LEU A 378 0.12 6.81 -8.39
C LEU A 378 -0.73 6.81 -7.11
N ALA A 379 -0.15 6.29 -6.01
CA ALA A 379 -0.82 6.31 -4.70
C ALA A 379 -1.17 7.75 -4.30
N ARG A 380 -0.17 8.62 -4.37
CA ARG A 380 -0.33 10.05 -4.11
C ARG A 380 -1.37 10.72 -5.02
N LEU A 381 -1.31 10.45 -6.33
CA LEU A 381 -2.28 11.00 -7.29
C LEU A 381 -3.72 10.58 -7.02
N GLU A 382 -3.94 9.28 -6.91
CA GLU A 382 -5.24 8.74 -6.64
C GLU A 382 -5.86 9.33 -5.38
N ASN A 383 -5.03 9.54 -4.35
CA ASN A 383 -5.58 10.00 -3.05
C ASN A 383 -5.81 11.46 -2.99
N ARG A 384 -4.95 12.21 -3.66
CA ARG A 384 -5.15 13.63 -3.87
C ARG A 384 -6.39 13.92 -4.68
N VAL A 385 -6.58 13.25 -5.82
CA VAL A 385 -7.79 13.44 -6.61
C VAL A 385 -9.07 13.02 -5.83
N ALA A 386 -8.99 11.88 -5.15
CA ALA A 386 -10.08 11.33 -4.35
C ALA A 386 -10.57 12.34 -3.29
N LEU A 387 -9.64 12.91 -2.53
CA LEU A 387 -9.97 13.92 -1.53
C LEU A 387 -10.54 15.23 -2.13
N GLU A 388 -9.93 15.69 -3.24
CA GLU A 388 -10.44 16.83 -3.97
C GLU A 388 -11.91 16.64 -4.32
N GLU A 389 -12.23 15.44 -4.81
CA GLU A 389 -13.55 15.11 -5.33
C GLU A 389 -14.57 14.93 -4.23
N ILE A 390 -14.12 14.35 -3.11
CA ILE A 390 -14.95 14.20 -1.93
C ILE A 390 -15.35 15.59 -1.43
N ILE A 391 -14.36 16.48 -1.30
CA ILE A 391 -14.61 17.87 -0.88
C ILE A 391 -15.52 18.62 -1.86
N ALA A 392 -15.20 18.54 -3.15
CA ALA A 392 -16.00 19.19 -4.18
C ALA A 392 -17.47 18.87 -4.06
N ARG A 393 -17.80 17.60 -3.86
CA ARG A 393 -19.19 17.20 -3.88
C ARG A 393 -19.81 17.41 -2.50
N PHE A 394 -19.08 16.99 -1.45
CA PHE A 394 -19.68 16.87 -0.11
C PHE A 394 -19.28 17.94 0.90
N GLY A 395 -18.16 18.61 0.65
CA GLY A 395 -17.60 19.56 1.62
C GLY A 395 -16.90 18.80 2.74
N ARG A 396 -17.58 17.80 3.30
CA ARG A 396 -17.09 17.02 4.44
C ARG A 396 -17.84 15.69 4.60
N LEU A 397 -17.11 14.69 5.09
CA LEU A 397 -17.70 13.40 5.49
C LEU A 397 -17.45 13.20 6.96
N THR A 398 -18.43 12.59 7.62
CA THR A 398 -18.30 12.13 9.00
C THR A 398 -18.38 10.61 9.03
N VAL A 399 -17.62 9.98 9.89
CA VAL A 399 -17.69 8.53 9.97
C VAL A 399 -18.97 8.21 10.78
N ASP A 400 -19.75 7.23 10.33
CA ASP A 400 -20.84 6.73 11.19
C ASP A 400 -20.24 5.63 12.02
N ARG A 401 -19.64 6.02 13.14
CA ARG A 401 -18.88 5.11 13.97
C ARG A 401 -19.77 4.02 14.58
N ASP A 402 -21.05 4.34 14.79
CA ASP A 402 -22.00 3.34 15.29
C ASP A 402 -22.79 2.65 14.18
N ASP A 403 -22.32 2.75 12.94
CA ASP A 403 -22.88 1.90 11.90
C ASP A 403 -22.15 0.56 11.98
N GLU A 404 -22.90 -0.47 12.37
CA GLU A 404 -22.32 -1.79 12.64
C GLU A 404 -21.69 -2.50 11.42
N ARG A 405 -21.73 -1.88 10.25
CA ARG A 405 -21.08 -2.48 9.06
C ARG A 405 -19.60 -2.15 9.02
N LEU A 406 -19.24 -1.12 9.79
CA LEU A 406 -17.86 -0.75 9.97
C LEU A 406 -17.00 -1.92 10.40
N ARG A 407 -15.97 -2.20 9.59
CA ARG A 407 -15.02 -3.29 9.86
C ARG A 407 -13.57 -2.88 9.57
N HIS A 408 -12.70 -3.09 10.56
CA HIS A 408 -11.26 -2.90 10.43
C HIS A 408 -10.63 -4.19 9.95
N PHE A 409 -9.53 -4.07 9.21
CA PHE A 409 -8.67 -5.25 8.97
C PHE A 409 -7.99 -5.63 10.29
N GLU A 410 -7.51 -6.87 10.41
CA GLU A 410 -6.55 -7.20 11.50
C GLU A 410 -5.36 -8.10 11.14
N GLN A 411 -4.73 -7.91 9.98
CA GLN A 411 -3.49 -8.65 9.73
C GLN A 411 -2.30 -7.84 9.15
N ILE A 412 -2.31 -7.62 7.85
CA ILE A 412 -1.22 -6.95 7.16
C ILE A 412 -1.44 -5.42 7.13
N VAL A 413 -2.63 -4.98 7.51
CA VAL A 413 -3.11 -3.65 7.14
C VAL A 413 -3.73 -2.86 8.29
N LEU A 414 -3.48 -1.55 8.29
CA LEU A 414 -4.02 -0.66 9.30
C LEU A 414 -5.09 0.22 8.66
N GLY A 415 -6.33 -0.20 8.85
CA GLY A 415 -7.45 0.51 8.28
C GLY A 415 -8.68 -0.35 8.18
N THR A 416 -9.51 0.00 7.20
CA THR A 416 -10.92 -0.24 7.28
C THR A 416 -11.36 -0.86 5.94
N ARG A 417 -12.11 -1.94 6.03
CA ARG A 417 -12.67 -2.60 4.86
C ARG A 417 -14.00 -1.98 4.43
N HIS A 418 -14.75 -1.47 5.40
CA HIS A 418 -16.04 -0.85 5.15
C HIS A 418 -16.10 0.36 6.06
N LEU A 419 -16.39 1.53 5.49
CA LEU A 419 -16.42 2.78 6.24
C LEU A 419 -17.71 3.50 5.93
N PRO A 420 -18.77 3.19 6.69
CA PRO A 420 -20.02 3.93 6.54
C PRO A 420 -19.76 5.41 6.78
N VAL A 421 -20.25 6.25 5.88
CA VAL A 421 -20.15 7.69 6.08
C VAL A 421 -21.47 8.43 5.86
N LEU A 422 -21.47 9.67 6.37
CA LEU A 422 -22.59 10.59 6.27
C LEU A 422 -22.13 11.92 5.65
N ALA A 423 -22.71 12.32 4.51
CA ALA A 423 -22.28 13.61 3.91
C ALA A 423 -22.64 14.80 4.82
N GLY A 424 -21.73 15.77 4.94
CA GLY A 424 -22.06 17.06 5.58
C GLY A 424 -23.12 17.82 4.79
N SER A 425 -23.10 17.63 3.46
CA SER A 425 -24.03 18.21 2.50
C SER A 425 -23.74 17.54 1.15
N SER A 426 -24.60 17.77 0.16
CA SER A 426 -24.40 17.23 -1.16
C SER A 426 -25.30 17.97 -2.10
N PRO A 427 -24.99 17.94 -3.41
CA PRO A 427 -25.81 18.60 -4.41
C PRO A 427 -27.23 18.03 -4.48
N ARG A 428 -27.48 16.93 -3.78
CA ARG A 428 -28.80 16.30 -3.75
C ARG A 428 -29.84 17.01 -2.87
N GLN A 429 -29.39 17.89 -2.00
CA GLN A 429 -30.30 18.48 -1.04
C GLN A 429 -30.97 19.71 -1.65
N SER A 430 -32.23 19.92 -1.34
CA SER A 430 -32.79 21.26 -1.49
C SER A 430 -32.47 21.85 -0.15
N ALA A 431 -31.23 22.35 -0.02
CA ALA A 431 -30.65 22.73 1.26
C ALA A 431 -31.25 24.02 1.82
CHA HEM B . 6.67 -1.23 -2.55
CHB HEM B . 3.44 0.74 0.44
CHC HEM B . 0.77 1.88 -3.42
CHD HEM B . 3.53 -0.94 -6.25
C1A HEM B . 6.05 -0.75 -1.41
C2A HEM B . 6.63 -0.71 -0.10
C3A HEM B . 5.74 -0.16 0.76
C4A HEM B . 4.58 0.15 -0.01
CMA HEM B . 5.89 0.07 2.30
CAA HEM B . 8.05 -1.22 0.22
CBA HEM B . 7.98 -2.68 0.68
CGA HEM B . 9.38 -3.20 0.86
O1A HEM B . 10.33 -2.39 0.94
O2A HEM B . 9.51 -4.43 0.98
C1B HEM B . 2.46 1.28 -0.36
C2B HEM B . 1.40 2.13 0.11
C3B HEM B . 0.63 2.45 -0.94
C4B HEM B . 1.21 1.78 -2.11
CMB HEM B . 1.25 2.52 1.60
CAB HEM B . -0.67 3.30 -0.99
CBB HEM B . -0.76 4.39 -0.19
C1C HEM B . 1.29 1.22 -4.50
C2C HEM B . 0.76 1.28 -5.86
C3C HEM B . 1.52 0.49 -6.64
C4C HEM B . 2.54 -0.09 -5.81
CMC HEM B . -0.45 2.12 -6.28
CAC HEM B . 1.36 0.22 -8.14
CBC HEM B . 1.16 1.23 -8.99
C1D HEM B . 4.67 -1.25 -5.54
C2D HEM B . 5.76 -2.01 -6.06
C3D HEM B . 6.73 -2.11 -4.90
C4D HEM B . 6.13 -1.39 -3.79
CMD HEM B . 5.85 -2.63 -7.51
CAD HEM B . 8.09 -2.82 -4.86
CBD HEM B . 9.16 -1.79 -5.19
CGD HEM B . 10.46 -2.55 -5.17
O1D HEM B . 10.50 -3.62 -4.49
O2D HEM B . 11.43 -2.10 -5.81
NA HEM B . 4.82 -0.20 -1.33
NB HEM B . 2.31 1.07 -1.72
NC HEM B . 2.38 0.37 -4.52
ND HEM B . 4.93 -0.90 -4.21
FE HEM B . 3.74 0.26 -3.00
#